data_5K6U
#
_entry.id   5K6U
#
_cell.length_a   163.072
_cell.length_b   49.260
_cell.length_c   60.728
_cell.angle_alpha   90.00
_cell.angle_beta   110.50
_cell.angle_gamma   90.00
#
_symmetry.space_group_name_H-M   'C 1 2 1'
#
loop_
_entity.id
_entity.type
_entity.pdbx_description
1 polymer 'Protein sidekick-1'
2 branched 2-acetamido-2-deoxy-beta-D-glucopyranose-(1-4)-2-acetamido-2-deoxy-beta-D-glucopyranose
3 non-polymer 'IODIDE ION'
4 non-polymer 'CESIUM ION'
5 water water
#
_entity_poly.entity_id   1
_entity_poly.type   'polypeptide(L)'
_entity_poly.pdbx_seq_one_letter_code
;GPALAQDDVAPYFKTEPGLPQIHLEGNRLVLTCLAEGSWPLEFKWIRNDSELTTYSSEYKYIIPSLQKLDAGFYRCVVRN
RMGALLQRKSEIQVAYMGNFMDTDQRKTVSQGHAALLNLLPIVSCPQPQVTWFREGHKIIPSSRIAITLENQLVILATTA
SDAGAYYVQAVNEKNGENKTSPFIHLSVARDTGTHEAMAPIIVVAPGNRSVVAGSSETTLECIANARPVEELSVHWKRNG
VRLTSGLHSYGRRLTITNPTSADTGMYVCEATLRGSTFEPARARAFLSIIEPPYFTAEPESRILGEVEETMDIPCRAMGV
PLPTLQWYKDAVPLSKLQNPRYKVLPSGGLHIQKLSPEDSGIFQCFASNEGGEVQTHTYLDVTN
;
_entity_poly.pdbx_strand_id   A
#
loop_
_chem_comp.id
_chem_comp.type
_chem_comp.name
_chem_comp.formula
CS non-polymer 'CESIUM ION' 'Cs 1'
IOD non-polymer 'IODIDE ION' 'I -1'
NAG D-saccharide, beta linking 2-acetamido-2-deoxy-beta-D-glucopyranose 'C8 H15 N O6'
#
# COMPACT_ATOMS: atom_id res chain seq x y z
N GLN A 6 -37.48 20.62 -6.27
CA GLN A 6 -37.14 21.77 -5.44
C GLN A 6 -36.00 22.58 -6.06
N ASP A 7 -36.03 23.89 -5.83
CA ASP A 7 -34.93 24.79 -6.19
C ASP A 7 -33.89 24.91 -5.07
N ASP A 8 -34.04 24.16 -3.99
CA ASP A 8 -33.14 24.27 -2.85
C ASP A 8 -32.54 22.91 -2.47
N VAL A 9 -32.28 22.04 -3.44
CA VAL A 9 -31.64 20.77 -3.16
C VAL A 9 -30.16 20.91 -3.50
N ALA A 10 -29.32 20.90 -2.46
CA ALA A 10 -27.87 20.94 -2.64
C ALA A 10 -27.39 19.62 -3.25
N PRO A 11 -26.26 19.64 -3.96
CA PRO A 11 -25.79 18.39 -4.58
C PRO A 11 -25.48 17.32 -3.54
N TYR A 12 -25.73 16.08 -3.92
CA TYR A 12 -25.38 14.93 -3.09
C TYR A 12 -25.17 13.75 -4.02
N PHE A 13 -24.47 12.72 -3.53
CA PHE A 13 -24.20 11.56 -4.36
C PHE A 13 -25.23 10.48 -4.10
N LYS A 14 -25.76 9.89 -5.19
CA LYS A 14 -26.67 8.77 -5.08
C LYS A 14 -25.93 7.47 -4.86
N THR A 15 -24.73 7.35 -5.40
CA THR A 15 -23.94 6.14 -5.29
C THR A 15 -22.47 6.52 -5.12
N GLU A 16 -21.82 5.93 -4.13
CA GLU A 16 -20.39 6.10 -3.96
C GLU A 16 -19.61 5.21 -4.93
N PRO A 17 -18.46 5.66 -5.42
CA PRO A 17 -17.62 4.79 -6.24
C PRO A 17 -17.21 3.52 -5.50
N GLY A 18 -16.86 2.50 -6.29
CA GLY A 18 -16.56 1.20 -5.76
C GLY A 18 -15.10 1.03 -5.33
N LEU A 19 -14.84 -0.14 -4.73
CA LEU A 19 -13.51 -0.47 -4.24
C LEU A 19 -12.47 -0.46 -5.36
N PRO A 20 -11.20 -0.25 -5.01
CA PRO A 20 -10.14 -0.24 -6.03
C PRO A 20 -10.12 -1.53 -6.84
N GLN A 21 -10.13 -1.38 -8.16
CA GLN A 21 -10.02 -2.49 -9.08
C GLN A 21 -8.79 -2.30 -9.97
N ILE A 22 -8.17 -3.42 -10.35
CA ILE A 22 -7.02 -3.40 -11.23
C ILE A 22 -7.49 -3.57 -12.66
N HIS A 23 -7.06 -2.67 -13.54
CA HIS A 23 -7.53 -2.62 -14.92
C HIS A 23 -6.40 -3.00 -15.88
N LEU A 24 -6.78 -3.48 -17.06
CA LEU A 24 -5.82 -3.97 -18.04
C LEU A 24 -5.56 -2.92 -19.09
N GLU A 25 -4.31 -2.83 -19.54
CA GLU A 25 -3.98 -2.01 -20.70
C GLU A 25 -4.87 -2.38 -21.87
N GLY A 26 -5.33 -1.37 -22.58
CA GLY A 26 -6.18 -1.57 -23.73
C GLY A 26 -7.65 -1.68 -23.42
N ASN A 27 -8.02 -1.85 -22.16
CA ASN A 27 -9.44 -1.96 -21.82
C ASN A 27 -10.09 -0.60 -21.67
N ARG A 28 -11.38 -0.56 -21.98
CA ARG A 28 -12.17 0.65 -21.82
C ARG A 28 -12.43 0.87 -20.33
N LEU A 29 -12.45 2.14 -19.92
CA LEU A 29 -12.76 2.52 -18.54
C LEU A 29 -13.85 3.59 -18.54
N VAL A 30 -14.90 3.41 -17.74
CA VAL A 30 -16.00 4.37 -17.66
C VAL A 30 -16.12 4.81 -16.21
N LEU A 31 -15.75 6.05 -15.93
CA LEU A 31 -16.03 6.68 -14.65
C LEU A 31 -17.31 7.51 -14.74
N THR A 32 -18.02 7.61 -13.63
CA THR A 32 -19.33 8.23 -13.60
C THR A 32 -19.48 9.09 -12.35
N CYS A 33 -20.16 10.24 -12.44
CA CYS A 33 -20.39 11.10 -11.30
C CYS A 33 -21.89 11.09 -11.05
N LEU A 34 -22.33 10.16 -10.21
CA LEU A 34 -23.73 9.83 -10.00
C LEU A 34 -24.33 10.69 -8.88
N ALA A 35 -24.54 11.96 -9.21
CA ALA A 35 -24.97 12.95 -8.24
C ALA A 35 -26.32 13.53 -8.63
N GLU A 36 -27.06 14.02 -7.64
CA GLU A 36 -28.37 14.65 -7.82
C GLU A 36 -28.37 16.01 -7.15
N GLY A 37 -29.38 16.81 -7.45
CA GLY A 37 -29.49 18.17 -6.94
C GLY A 37 -30.25 19.05 -7.90
N SER A 38 -30.62 20.23 -7.42
CA SER A 38 -31.30 21.17 -8.30
C SER A 38 -30.36 21.60 -9.44
N TRP A 39 -30.93 21.82 -10.61
CA TRP A 39 -30.13 22.08 -11.79
C TRP A 39 -30.13 23.59 -12.08
N PRO A 40 -29.18 24.10 -12.89
CA PRO A 40 -28.00 23.52 -13.55
C PRO A 40 -27.06 22.80 -12.59
N LEU A 41 -26.85 21.53 -12.89
CA LEU A 41 -25.96 20.66 -12.14
C LEU A 41 -24.78 20.34 -13.05
N GLU A 42 -23.55 20.62 -12.60
CA GLU A 42 -22.35 20.47 -13.42
C GLU A 42 -21.30 19.63 -12.71
N PHE A 43 -20.44 19.00 -13.52
CA PHE A 43 -19.47 18.00 -13.09
C PHE A 43 -18.12 18.30 -13.71
N LYS A 44 -17.06 18.13 -12.93
CA LYS A 44 -15.73 18.17 -13.53
C LYS A 44 -14.90 17.06 -12.90
N TRP A 45 -13.86 16.65 -13.61
CA TRP A 45 -13.05 15.54 -13.15
C TRP A 45 -11.66 16.02 -12.77
N ILE A 46 -11.05 15.27 -11.86
CA ILE A 46 -9.74 15.59 -11.32
C ILE A 46 -8.94 14.29 -11.30
N ARG A 47 -7.67 14.39 -11.69
CA ARG A 47 -6.73 13.27 -11.63
C ARG A 47 -5.49 13.75 -10.89
N ASN A 48 -5.21 13.13 -9.74
CA ASN A 48 -4.02 13.47 -8.96
C ASN A 48 -3.99 14.96 -8.59
N ASP A 49 -5.09 15.43 -8.02
CA ASP A 49 -5.26 16.83 -7.63
C ASP A 49 -5.02 17.80 -8.79
N SER A 50 -5.10 17.32 -10.03
CA SER A 50 -4.98 18.15 -11.21
C SER A 50 -6.28 18.10 -12.01
N GLU A 51 -6.70 19.25 -12.53
CA GLU A 51 -7.98 19.34 -13.23
C GLU A 51 -7.88 18.67 -14.60
N LEU A 52 -8.74 17.67 -14.83
CA LEU A 52 -8.82 16.99 -16.13
C LEU A 52 -9.76 17.70 -17.10
N THR A 53 -10.96 18.03 -16.64
CA THR A 53 -12.01 18.58 -17.47
C THR A 53 -12.53 19.85 -16.83
N THR A 54 -13.19 20.67 -17.64
CA THR A 54 -13.90 21.82 -17.11
C THR A 54 -15.31 21.38 -16.72
N TYR A 55 -16.04 22.29 -16.06
CA TYR A 55 -17.40 22.02 -15.64
C TYR A 55 -18.34 21.90 -16.84
N SER A 56 -19.13 20.84 -16.87
CA SER A 56 -20.18 20.71 -17.86
C SER A 56 -21.22 19.75 -17.33
N SER A 57 -22.26 19.53 -18.12
CA SER A 57 -23.35 18.65 -17.75
C SER A 57 -23.03 17.18 -17.97
N GLU A 58 -21.83 16.87 -18.45
CA GLU A 58 -21.45 15.48 -18.68
C GLU A 58 -20.86 14.90 -17.39
N TYR A 59 -21.52 13.88 -16.83
CA TYR A 59 -21.06 13.28 -15.59
C TYR A 59 -20.15 12.07 -15.81
N LYS A 60 -19.95 11.65 -17.06
CA LYS A 60 -19.09 10.54 -17.38
C LYS A 60 -17.71 11.02 -17.81
N TYR A 61 -16.70 10.23 -17.45
CA TYR A 61 -15.35 10.39 -17.99
C TYR A 61 -14.92 9.01 -18.47
N ILE A 62 -14.59 8.91 -19.75
CA ILE A 62 -14.38 7.64 -20.42
C ILE A 62 -12.99 7.63 -21.03
N ILE A 63 -12.23 6.58 -20.74
CA ILE A 63 -10.95 6.35 -21.42
C ILE A 63 -11.15 5.17 -22.37
N PRO A 64 -11.23 5.42 -23.68
CA PRO A 64 -11.49 4.32 -24.64
C PRO A 64 -10.50 3.18 -24.53
N SER A 65 -9.23 3.46 -24.25
CA SER A 65 -8.18 2.45 -24.25
C SER A 65 -7.16 2.83 -23.19
N LEU A 66 -7.13 2.08 -22.10
CA LEU A 66 -6.24 2.42 -20.99
C LEU A 66 -4.78 2.17 -21.33
N GLN A 67 -3.93 3.11 -20.95
CA GLN A 67 -2.49 2.92 -20.96
C GLN A 67 -1.96 3.15 -19.54
N LYS A 68 -0.68 2.84 -19.35
CA LYS A 68 -0.11 2.90 -18.01
C LYS A 68 -0.17 4.32 -17.44
N LEU A 69 0.02 5.34 -18.27
CA LEU A 69 0.01 6.71 -17.77
C LEU A 69 -1.36 7.17 -17.31
N ASP A 70 -2.43 6.41 -17.57
CA ASP A 70 -3.74 6.73 -17.01
C ASP A 70 -3.90 6.29 -15.57
N ALA A 71 -2.98 5.48 -15.05
CA ALA A 71 -3.06 5.05 -13.65
C ALA A 71 -2.98 6.25 -12.71
N GLY A 72 -3.85 6.29 -11.72
CA GLY A 72 -3.85 7.39 -10.76
C GLY A 72 -5.12 7.42 -9.94
N PHE A 73 -5.32 8.53 -9.25
CA PHE A 73 -6.48 8.74 -8.40
C PHE A 73 -7.43 9.71 -9.08
N TYR A 74 -8.68 9.28 -9.27
CA TYR A 74 -9.69 10.07 -9.97
C TYR A 74 -10.80 10.45 -9.00
N ARG A 75 -11.42 11.61 -9.25
CA ARG A 75 -12.59 12.04 -8.48
C ARG A 75 -13.29 13.15 -9.26
N CYS A 76 -14.60 13.20 -9.13
CA CYS A 76 -15.34 14.30 -9.74
C CYS A 76 -15.77 15.30 -8.68
N VAL A 77 -16.02 16.51 -9.14
CA VAL A 77 -16.69 17.55 -8.36
C VAL A 77 -18.05 17.79 -9.02
N VAL A 78 -19.10 17.88 -8.20
CA VAL A 78 -20.43 18.24 -8.65
C VAL A 78 -20.79 19.58 -8.03
N ARG A 79 -21.43 20.44 -8.81
CA ARG A 79 -21.73 21.80 -8.38
C ARG A 79 -23.08 22.25 -8.92
N ASN A 80 -23.85 22.91 -8.06
CA ASN A 80 -24.94 23.75 -8.56
C ASN A 80 -24.81 25.10 -7.88
N ARG A 81 -25.83 25.94 -8.00
CA ARG A 81 -25.74 27.27 -7.40
C ARG A 81 -25.51 27.21 -5.90
N MET A 82 -25.96 26.16 -5.23
CA MET A 82 -25.89 26.14 -3.77
C MET A 82 -24.51 25.79 -3.24
N GLY A 83 -23.73 24.99 -3.95
CA GLY A 83 -22.38 24.68 -3.55
C GLY A 83 -21.80 23.55 -4.38
N ALA A 84 -20.58 23.16 -3.98
CA ALA A 84 -19.80 22.14 -4.68
C ALA A 84 -19.41 21.06 -3.69
N LEU A 85 -19.37 19.82 -4.17
CA LEU A 85 -19.13 18.64 -3.36
C LEU A 85 -18.10 17.75 -4.02
N LEU A 86 -17.08 17.37 -3.27
CA LEU A 86 -16.04 16.47 -3.75
C LEU A 86 -16.47 15.02 -3.60
N GLN A 87 -16.43 14.27 -4.69
CA GLN A 87 -16.58 12.83 -4.64
C GLN A 87 -15.38 12.19 -3.93
N ARG A 88 -15.62 11.07 -3.26
CA ARG A 88 -14.48 10.38 -2.67
C ARG A 88 -13.62 9.78 -3.79
N LYS A 89 -12.32 9.75 -3.54
CA LYS A 89 -11.32 9.40 -4.54
C LYS A 89 -11.53 7.98 -5.04
N SER A 90 -11.20 7.75 -6.31
CA SER A 90 -11.14 6.41 -6.86
C SER A 90 -9.71 6.09 -7.29
N GLU A 91 -9.22 4.93 -6.90
CA GLU A 91 -7.86 4.50 -7.22
C GLU A 91 -7.94 3.59 -8.45
N ILE A 92 -7.34 4.05 -9.56
CA ILE A 92 -7.32 3.31 -10.83
C ILE A 92 -5.90 2.82 -11.05
N GLN A 93 -5.66 1.54 -10.78
CA GLN A 93 -4.38 0.93 -11.12
C GLN A 93 -4.48 0.26 -12.49
N VAL A 94 -3.37 0.23 -13.20
CA VAL A 94 -3.29 -0.39 -14.50
C VAL A 94 -2.24 -1.47 -14.44
N ALA A 95 -2.59 -2.68 -14.89
CA ALA A 95 -1.63 -3.77 -14.93
C ALA A 95 -0.71 -3.57 -16.12
N TYR A 96 0.58 -3.65 -15.87
CA TYR A 96 1.58 -3.45 -16.91
CA TYR A 96 1.55 -3.53 -16.95
C TYR A 96 2.80 -4.28 -16.54
N MET A 97 3.56 -4.68 -17.56
CA MET A 97 4.82 -5.35 -17.33
C MET A 97 5.85 -4.79 -18.30
N GLY A 98 6.93 -4.23 -17.77
CA GLY A 98 8.02 -3.79 -18.59
C GLY A 98 8.92 -4.91 -19.05
N ASN A 99 10.14 -4.52 -19.41
CA ASN A 99 11.12 -5.43 -19.99
C ASN A 99 12.33 -5.49 -19.06
N PHE A 100 13.05 -6.61 -19.12
CA PHE A 100 14.34 -6.64 -18.47
C PHE A 100 15.35 -5.86 -19.31
N MET A 101 16.36 -5.32 -18.64
CA MET A 101 17.47 -4.70 -19.35
C MET A 101 18.21 -5.77 -20.16
N ASP A 102 18.62 -5.40 -21.38
CA ASP A 102 19.20 -6.36 -22.32
C ASP A 102 20.69 -6.55 -22.06
N THR A 103 21.01 -7.07 -20.86
CA THR A 103 22.41 -7.27 -20.53
C THR A 103 22.56 -8.36 -19.48
N ASP A 104 23.58 -9.20 -19.67
CA ASP A 104 23.96 -10.21 -18.70
C ASP A 104 24.70 -9.59 -17.53
N GLN A 105 24.70 -10.30 -16.41
CA GLN A 105 25.39 -9.88 -15.20
C GLN A 105 26.31 -11.00 -14.74
N ARG A 106 27.30 -10.62 -13.94
CA ARG A 106 28.25 -11.58 -13.37
C ARG A 106 28.27 -11.38 -11.87
N LYS A 107 28.42 -12.48 -11.14
CA LYS A 107 28.54 -12.45 -9.68
C LYS A 107 29.47 -13.56 -9.24
N THR A 108 30.34 -13.25 -8.29
CA THR A 108 31.29 -14.23 -7.74
C THR A 108 31.05 -14.33 -6.24
N VAL A 109 31.01 -15.56 -5.74
CA VAL A 109 30.85 -15.83 -4.31
CA VAL A 109 30.89 -15.79 -4.30
C VAL A 109 31.93 -16.82 -3.90
N SER A 110 32.36 -16.72 -2.64
CA SER A 110 33.31 -17.67 -2.11
C SER A 110 32.56 -18.88 -1.54
N GLN A 111 33.08 -20.06 -1.85
CA GLN A 111 32.50 -21.32 -1.44
C GLN A 111 32.07 -21.29 0.03
N GLY A 112 30.88 -21.81 0.29
CA GLY A 112 30.36 -21.84 1.64
C GLY A 112 29.49 -20.65 2.00
N HIS A 113 29.67 -19.51 1.35
CA HIS A 113 28.84 -18.34 1.60
C HIS A 113 27.53 -18.44 0.83
N ALA A 114 26.56 -17.65 1.28
CA ALA A 114 25.28 -17.55 0.59
C ALA A 114 25.41 -16.64 -0.63
N ALA A 115 24.81 -17.07 -1.74
CA ALA A 115 24.73 -16.24 -2.95
C ALA A 115 23.33 -15.66 -3.05
N LEU A 116 23.25 -14.34 -3.05
CA LEU A 116 21.98 -13.61 -3.14
C LEU A 116 21.86 -13.06 -4.56
N LEU A 117 20.96 -13.61 -5.35
CA LEU A 117 20.83 -13.23 -6.75
C LEU A 117 19.61 -12.34 -6.90
N ASN A 118 19.83 -11.07 -7.21
CA ASN A 118 18.70 -10.16 -7.30
C ASN A 118 17.94 -10.35 -8.60
N LEU A 119 16.60 -10.32 -8.50
CA LEU A 119 15.74 -10.27 -9.68
C LEU A 119 16.12 -9.06 -10.51
N LEU A 120 16.33 -9.29 -11.79
CA LEU A 120 16.88 -8.24 -12.63
C LEU A 120 15.85 -7.12 -12.73
N PRO A 121 16.29 -5.86 -12.78
CA PRO A 121 15.35 -4.74 -12.82
C PRO A 121 14.26 -4.94 -13.87
N ILE A 122 13.01 -4.76 -13.44
CA ILE A 122 11.85 -4.82 -14.33
C ILE A 122 10.69 -4.09 -13.67
N VAL A 123 10.11 -3.13 -14.38
CA VAL A 123 8.93 -2.43 -13.89
C VAL A 123 7.69 -3.29 -14.17
N SER A 124 6.86 -3.50 -13.14
CA SER A 124 5.66 -4.32 -13.28
C SER A 124 4.62 -3.96 -12.23
N CYS A 125 3.36 -3.86 -12.64
CA CYS A 125 2.22 -3.71 -11.72
C CYS A 125 1.18 -4.78 -12.03
N PRO A 126 0.86 -5.62 -11.04
CA PRO A 126 1.56 -5.69 -9.75
C PRO A 126 2.86 -6.47 -9.92
N GLN A 127 3.58 -6.69 -8.82
CA GLN A 127 4.86 -7.36 -8.94
C GLN A 127 4.65 -8.77 -9.49
N PRO A 128 5.54 -9.24 -10.36
CA PRO A 128 5.30 -10.52 -11.03
C PRO A 128 5.53 -11.69 -10.09
N GLN A 129 5.02 -12.85 -10.52
CA GLN A 129 5.41 -14.13 -9.96
C GLN A 129 6.65 -14.59 -10.74
N VAL A 130 7.65 -15.04 -10.01
CA VAL A 130 8.97 -15.31 -10.56
C VAL A 130 9.30 -16.77 -10.36
N THR A 131 9.74 -17.43 -11.42
CA THR A 131 10.32 -18.76 -11.34
C THR A 131 11.77 -18.66 -11.77
N TRP A 132 12.69 -19.16 -10.93
CA TRP A 132 14.12 -19.15 -11.22
C TRP A 132 14.52 -20.43 -11.93
N PHE A 133 15.46 -20.30 -12.86
CA PHE A 133 15.93 -21.40 -13.67
C PHE A 133 17.44 -21.44 -13.72
N ARG A 134 17.94 -22.64 -14.02
CA ARG A 134 19.32 -22.83 -14.43
C ARG A 134 19.36 -23.97 -15.43
N GLU A 135 19.79 -23.67 -16.66
CA GLU A 135 19.86 -24.65 -17.74
C GLU A 135 18.52 -25.34 -17.97
N GLY A 136 17.45 -24.54 -17.97
CA GLY A 136 16.13 -25.08 -18.20
C GLY A 136 15.55 -25.86 -17.05
N HIS A 137 16.26 -25.96 -15.93
CA HIS A 137 15.79 -26.69 -14.76
C HIS A 137 15.12 -25.73 -13.78
N LYS A 138 13.87 -25.99 -13.45
CA LYS A 138 13.15 -25.12 -12.52
C LYS A 138 13.72 -25.30 -11.11
N ILE A 139 14.17 -24.20 -10.51
CA ILE A 139 14.78 -24.25 -9.19
C ILE A 139 13.66 -24.21 -8.13
N ILE A 140 13.62 -25.25 -7.29
CA ILE A 140 12.59 -25.39 -6.26
C ILE A 140 13.13 -25.00 -4.89
N PRO A 141 12.40 -24.27 -4.07
CA PRO A 141 12.85 -24.02 -2.69
C PRO A 141 13.13 -25.33 -1.96
N SER A 142 14.18 -25.31 -1.13
CA SER A 142 14.57 -26.46 -0.33
C SER A 142 15.22 -25.95 0.96
N SER A 143 15.78 -26.88 1.72
CA SER A 143 16.52 -26.47 2.91
C SER A 143 17.75 -25.65 2.55
N ARG A 144 18.25 -25.75 1.32
CA ARG A 144 19.44 -25.00 0.92
C ARG A 144 19.15 -23.85 -0.04
N ILE A 145 17.98 -23.84 -0.67
CA ILE A 145 17.63 -22.85 -1.68
C ILE A 145 16.39 -22.12 -1.21
N ALA A 146 16.44 -20.79 -1.22
CA ALA A 146 15.28 -20.00 -0.83
C ALA A 146 15.00 -18.95 -1.90
N ILE A 147 13.73 -18.57 -1.97
CA ILE A 147 13.27 -17.48 -2.82
C ILE A 147 12.53 -16.51 -1.92
N THR A 148 13.01 -15.28 -1.85
CA THR A 148 12.48 -14.34 -0.88
C THR A 148 11.13 -13.82 -1.35
N LEU A 149 10.49 -13.06 -0.47
CA LEU A 149 9.24 -12.37 -0.82
C LEU A 149 9.45 -11.28 -1.88
N GLU A 150 10.69 -10.84 -2.07
CA GLU A 150 11.02 -9.91 -3.14
C GLU A 150 11.58 -10.63 -4.37
N ASN A 151 11.37 -11.94 -4.46
CA ASN A 151 11.74 -12.74 -5.63
C ASN A 151 13.23 -12.89 -5.81
N GLN A 152 14.04 -12.65 -4.79
CA GLN A 152 15.46 -12.91 -4.92
C GLN A 152 15.75 -14.38 -4.65
N LEU A 153 16.65 -14.94 -5.44
CA LEU A 153 17.11 -16.31 -5.23
C LEU A 153 18.27 -16.29 -4.24
N VAL A 154 18.19 -17.14 -3.23
CA VAL A 154 19.24 -17.28 -2.22
C VAL A 154 19.72 -18.74 -2.18
N ILE A 155 20.95 -18.96 -2.62
CA ILE A 155 21.59 -20.27 -2.56
C ILE A 155 22.49 -20.29 -1.33
N LEU A 156 22.14 -21.10 -0.33
CA LEU A 156 22.92 -21.20 0.89
C LEU A 156 24.09 -22.16 0.72
N ALA A 157 25.13 -21.95 1.55
CA ALA A 157 26.29 -22.84 1.63
C ALA A 157 26.79 -23.28 0.25
N THR A 158 27.09 -22.30 -0.61
CA THR A 158 27.43 -22.56 -2.01
C THR A 158 28.57 -23.56 -2.16
N THR A 159 28.52 -24.31 -3.25
CA THR A 159 29.58 -25.23 -3.66
C THR A 159 29.87 -24.98 -5.12
N ALA A 160 30.97 -25.57 -5.59
CA ALA A 160 31.36 -25.43 -6.99
C ALA A 160 30.23 -25.85 -7.93
N SER A 161 29.43 -26.85 -7.53
CA SER A 161 28.30 -27.29 -8.35
C SER A 161 27.27 -26.19 -8.60
N ASP A 162 27.23 -25.15 -7.74
CA ASP A 162 26.23 -24.10 -7.90
C ASP A 162 26.60 -23.07 -8.98
N ALA A 163 27.83 -23.11 -9.51
CA ALA A 163 28.20 -22.17 -10.56
C ALA A 163 27.40 -22.44 -11.83
N GLY A 164 27.09 -21.38 -12.56
CA GLY A 164 26.34 -21.54 -13.78
C GLY A 164 25.56 -20.27 -14.09
N ALA A 165 24.72 -20.37 -15.10
CA ALA A 165 23.96 -19.23 -15.62
C ALA A 165 22.52 -19.33 -15.12
N TYR A 166 22.11 -18.40 -14.26
CA TYR A 166 20.77 -18.34 -13.68
C TYR A 166 19.90 -17.31 -14.38
N TYR A 167 18.61 -17.59 -14.46
CA TYR A 167 17.68 -16.66 -15.09
C TYR A 167 16.28 -16.90 -14.56
N VAL A 168 15.39 -15.99 -14.92
CA VAL A 168 14.03 -15.93 -14.40
C VAL A 168 13.00 -15.95 -15.53
N GLN A 169 11.86 -16.58 -15.28
CA GLN A 169 10.62 -16.28 -15.99
C GLN A 169 9.72 -15.49 -15.04
N ALA A 170 9.40 -14.26 -15.43
CA ALA A 170 8.53 -13.40 -14.63
C ALA A 170 7.15 -13.36 -15.27
N VAL A 171 6.12 -13.58 -14.45
CA VAL A 171 4.75 -13.61 -14.95
C VAL A 171 3.94 -12.55 -14.23
N ASN A 172 3.34 -11.63 -15.00
CA ASN A 172 2.32 -10.74 -14.43
C ASN A 172 1.00 -11.49 -14.37
N GLU A 173 0.53 -11.78 -13.15
CA GLU A 173 -0.66 -12.61 -12.99
C GLU A 173 -1.96 -11.89 -13.35
N LYS A 174 -1.96 -10.55 -13.46
CA LYS A 174 -3.20 -9.85 -13.76
C LYS A 174 -3.48 -9.73 -15.25
N ASN A 175 -2.47 -9.44 -16.07
CA ASN A 175 -2.66 -9.38 -17.51
C ASN A 175 -2.10 -10.60 -18.25
N GLY A 176 -1.50 -11.55 -17.53
CA GLY A 176 -1.05 -12.77 -18.13
C GLY A 176 0.30 -12.72 -18.83
N GLU A 177 0.86 -11.53 -19.06
CA GLU A 177 2.12 -11.43 -19.78
C GLU A 177 3.29 -12.05 -18.99
N ASN A 178 4.26 -12.57 -19.73
CA ASN A 178 5.46 -13.18 -19.15
C ASN A 178 6.70 -12.70 -19.88
N LYS A 179 7.79 -12.59 -19.14
CA LYS A 179 9.08 -12.20 -19.71
C LYS A 179 10.15 -13.11 -19.13
N THR A 180 11.14 -13.45 -19.97
CA THR A 180 12.34 -14.14 -19.57
C THR A 180 13.47 -13.12 -19.45
N SER A 181 14.24 -13.22 -18.39
CA SER A 181 15.35 -12.32 -18.17
C SER A 181 16.63 -12.84 -18.84
N PRO A 182 17.62 -11.98 -19.00
CA PRO A 182 18.95 -12.49 -19.36
C PRO A 182 19.58 -13.23 -18.19
N PHE A 183 20.85 -13.62 -18.35
CA PHE A 183 21.54 -14.47 -17.38
C PHE A 183 22.25 -13.66 -16.30
N ILE A 184 22.26 -14.20 -15.09
CA ILE A 184 23.27 -13.91 -14.09
C ILE A 184 24.25 -15.08 -14.08
N HIS A 185 25.52 -14.82 -14.43
CA HIS A 185 26.55 -15.85 -14.40
C HIS A 185 27.19 -15.85 -13.01
N LEU A 186 26.84 -16.84 -12.20
CA LEU A 186 27.37 -16.99 -10.86
C LEU A 186 28.63 -17.84 -10.93
N SER A 187 29.75 -17.31 -10.43
CA SER A 187 30.96 -18.08 -10.21
C SER A 187 31.14 -18.34 -8.72
N VAL A 188 31.75 -19.49 -8.39
CA VAL A 188 32.00 -19.89 -7.00
C VAL A 188 33.50 -20.12 -6.83
N ALA A 189 34.16 -19.21 -6.11
CA ALA A 189 35.60 -19.28 -5.86
C ALA A 189 35.90 -20.12 -4.62
N ARG A 190 37.18 -20.36 -4.36
CA ARG A 190 37.56 -21.24 -3.25
C ARG A 190 37.13 -20.67 -1.90
N ASP A 191 37.05 -21.58 -0.92
CA ASP A 191 36.73 -21.24 0.46
C ASP A 191 37.66 -20.15 1.00
N THR A 192 37.10 -19.24 1.79
CA THR A 192 37.90 -18.24 2.49
C THR A 192 38.52 -18.88 3.72
N GLY A 193 39.85 -18.87 3.78
CA GLY A 193 40.49 -19.50 4.93
C GLY A 193 40.32 -21.02 4.95
N THR A 194 40.43 -21.57 6.16
CA THR A 194 40.38 -23.02 6.38
C THR A 194 39.43 -23.28 7.54
N HIS A 195 38.15 -23.50 7.19
CA HIS A 195 37.09 -23.74 8.17
C HIS A 195 36.09 -24.71 7.57
N GLU A 196 35.78 -25.78 8.31
CA GLU A 196 34.79 -26.73 7.80
C GLU A 196 33.37 -26.22 8.07
N ALA A 197 33.02 -26.10 9.35
CA ALA A 197 31.72 -25.59 9.73
C ALA A 197 31.73 -24.07 9.75
N MET A 198 30.56 -23.48 9.46
CA MET A 198 30.38 -22.04 9.46
C MET A 198 29.15 -21.71 10.27
N ALA A 199 29.31 -20.79 11.23
CA ALA A 199 28.25 -20.47 12.16
C ALA A 199 27.09 -19.78 11.46
N PRO A 200 25.91 -19.81 12.05
CA PRO A 200 24.76 -19.15 11.39
C PRO A 200 24.95 -17.65 11.28
N ILE A 201 24.63 -17.13 10.12
CA ILE A 201 24.62 -15.70 9.89
C ILE A 201 23.36 -15.37 9.12
N ILE A 202 22.69 -14.32 9.53
CA ILE A 202 21.45 -13.91 8.89
C ILE A 202 21.81 -13.10 7.64
N VAL A 203 21.38 -13.60 6.48
CA VAL A 203 21.69 -12.93 5.22
C VAL A 203 20.52 -12.13 4.66
N VAL A 204 19.28 -12.47 5.04
CA VAL A 204 18.11 -11.68 4.68
C VAL A 204 17.36 -11.46 5.98
N ALA A 205 17.42 -10.31 6.47
CA ALA A 205 16.83 -9.94 7.74
C ALA A 205 15.36 -9.58 7.55
N PRO A 206 14.52 -9.87 8.53
CA PRO A 206 13.11 -9.52 8.42
C PRO A 206 12.94 -8.01 8.55
N GLY A 207 11.94 -7.50 7.87
CA GLY A 207 11.69 -6.08 7.88
C GLY A 207 10.57 -5.69 8.84
N ASN A 208 10.60 -4.43 9.27
CA ASN A 208 9.44 -3.84 9.90
C ASN A 208 8.23 -4.02 8.98
N ARG A 209 7.11 -4.44 9.54
CA ARG A 209 5.89 -4.68 8.78
C ARG A 209 4.75 -3.89 9.38
N SER A 210 3.98 -3.24 8.52
CA SER A 210 2.73 -2.58 8.89
C SER A 210 1.61 -3.16 8.03
N VAL A 211 0.46 -3.39 8.65
CA VAL A 211 -0.66 -3.99 7.95
C VAL A 211 -1.94 -3.32 8.41
N VAL A 212 -2.91 -3.25 7.50
CA VAL A 212 -4.18 -2.60 7.77
C VAL A 212 -5.10 -3.57 8.50
N ALA A 213 -5.81 -3.07 9.50
CA ALA A 213 -6.73 -3.89 10.29
C ALA A 213 -7.75 -4.59 9.39
N GLY A 214 -7.99 -5.87 9.68
CA GLY A 214 -8.87 -6.69 8.88
C GLY A 214 -8.19 -7.49 7.79
N SER A 215 -6.93 -7.18 7.47
CA SER A 215 -6.22 -7.91 6.44
C SER A 215 -6.14 -9.38 6.79
N SER A 216 -6.19 -10.22 5.74
CA SER A 216 -6.23 -11.67 5.94
C SER A 216 -4.94 -12.20 6.56
N GLU A 217 -3.79 -11.78 6.02
CA GLU A 217 -2.51 -12.35 6.41
C GLU A 217 -1.40 -11.32 6.30
N THR A 218 -0.29 -11.59 7.01
CA THR A 218 0.96 -10.87 6.83
C THR A 218 2.10 -11.83 7.11
N THR A 219 3.19 -11.71 6.38
CA THR A 219 4.27 -12.69 6.43
C THR A 219 5.60 -12.01 6.66
N LEU A 220 6.37 -12.53 7.63
CA LEU A 220 7.73 -12.13 7.90
C LEU A 220 8.69 -13.20 7.39
N GLU A 221 9.89 -12.78 7.00
CA GLU A 221 10.83 -13.68 6.35
C GLU A 221 12.24 -13.50 6.92
N CYS A 222 12.89 -14.63 7.17
CA CYS A 222 14.24 -14.60 7.74
C CYS A 222 15.01 -15.75 7.13
N ILE A 223 16.16 -15.45 6.53
CA ILE A 223 16.96 -16.44 5.84
C ILE A 223 18.36 -16.41 6.43
N ALA A 224 18.88 -17.56 6.78
CA ALA A 224 20.19 -17.64 7.40
C ALA A 224 21.09 -18.56 6.57
N ASN A 225 22.38 -18.30 6.66
CA ASN A 225 23.40 -19.16 6.08
C ASN A 225 24.17 -19.84 7.21
N ALA A 226 24.59 -21.06 6.95
CA ALA A 226 25.41 -21.86 7.85
C ALA A 226 25.91 -23.05 7.05
N ARG A 227 26.93 -23.70 7.58
CA ARG A 227 27.44 -24.93 6.98
C ARG A 227 27.89 -25.86 8.09
N PRO A 228 27.42 -27.12 8.09
CA PRO A 228 26.51 -27.81 7.15
C PRO A 228 25.06 -27.36 7.23
N VAL A 229 24.48 -27.09 6.06
CA VAL A 229 23.15 -26.48 6.03
C VAL A 229 22.08 -27.43 6.53
N GLU A 230 22.32 -28.74 6.46
CA GLU A 230 21.33 -29.71 6.95
C GLU A 230 21.07 -29.59 8.44
N GLU A 231 22.06 -29.07 9.20
CA GLU A 231 21.88 -28.87 10.63
C GLU A 231 21.29 -27.51 10.98
N LEU A 232 21.09 -26.65 9.97
CA LEU A 232 20.62 -25.29 10.21
C LEU A 232 19.14 -25.32 10.57
N SER A 233 18.78 -24.60 11.62
CA SER A 233 17.40 -24.47 12.06
C SER A 233 17.09 -22.98 12.22
N VAL A 234 16.01 -22.53 11.58
CA VAL A 234 15.53 -21.16 11.72
C VAL A 234 14.21 -21.21 12.45
N HIS A 235 14.09 -20.44 13.53
CA HIS A 235 12.89 -20.43 14.33
C HIS A 235 12.55 -19.01 14.74
N TRP A 236 11.30 -18.81 15.14
CA TRP A 236 10.76 -17.50 15.45
C TRP A 236 10.35 -17.43 16.91
N LYS A 237 10.71 -16.34 17.56
CA LYS A 237 10.40 -16.12 18.96
C LYS A 237 9.59 -14.84 19.10
N ARG A 238 8.70 -14.85 20.09
CA ARG A 238 7.94 -13.67 20.48
C ARG A 238 7.87 -13.66 22.00
N ASN A 239 8.11 -12.49 22.60
CA ASN A 239 8.14 -12.34 24.06
C ASN A 239 9.13 -13.32 24.71
N GLY A 240 10.24 -13.55 24.02
CA GLY A 240 11.29 -14.41 24.53
C GLY A 240 11.04 -15.89 24.41
N VAL A 241 9.92 -16.29 23.78
CA VAL A 241 9.53 -17.69 23.70
C VAL A 241 9.28 -18.07 22.25
N ARG A 242 9.73 -19.28 21.89
CA ARG A 242 9.65 -19.76 20.51
C ARG A 242 8.20 -19.92 20.04
N LEU A 243 7.93 -19.47 18.83
CA LEU A 243 6.61 -19.67 18.21
C LEU A 243 6.56 -21.02 17.51
N THR A 244 5.39 -21.66 17.59
CA THR A 244 5.21 -23.01 17.08
C THR A 244 4.29 -23.10 15.86
N SER A 245 3.38 -22.16 15.67
CA SER A 245 2.45 -22.22 14.55
C SER A 245 2.63 -21.02 13.64
N GLY A 246 2.22 -21.18 12.38
CA GLY A 246 2.40 -20.16 11.37
C GLY A 246 3.69 -20.22 10.59
N LEU A 247 4.45 -21.31 10.70
CA LEU A 247 5.76 -21.41 10.08
C LEU A 247 5.66 -22.07 8.71
N HIS A 248 6.47 -21.57 7.77
CA HIS A 248 6.45 -22.00 6.38
C HIS A 248 7.87 -21.96 5.82
N SER A 249 8.06 -22.65 4.71
CA SER A 249 9.29 -22.57 3.93
C SER A 249 10.52 -22.85 4.80
N TYR A 250 10.54 -24.05 5.38
CA TYR A 250 11.64 -24.53 6.21
C TYR A 250 11.87 -23.62 7.42
N GLY A 251 10.79 -23.06 7.95
CA GLY A 251 10.88 -22.17 9.09
C GLY A 251 11.30 -20.76 8.76
N ARG A 252 11.54 -20.43 7.49
CA ARG A 252 12.03 -19.11 7.13
C ARG A 252 10.90 -18.06 7.03
N ARG A 253 9.65 -18.50 6.97
CA ARG A 253 8.50 -17.59 6.85
C ARG A 253 7.57 -17.80 8.03
N LEU A 254 7.20 -16.72 8.68
CA LEU A 254 6.19 -16.71 9.72
C LEU A 254 5.02 -15.88 9.22
N THR A 255 3.85 -16.50 9.11
CA THR A 255 2.66 -15.80 8.69
CA THR A 255 2.64 -15.81 8.69
CA THR A 255 2.65 -15.80 8.69
C THR A 255 1.71 -15.66 9.88
N ILE A 256 1.32 -14.43 10.16
CA ILE A 256 0.34 -14.11 11.18
C ILE A 256 -0.99 -13.91 10.46
N THR A 257 -1.98 -14.71 10.80
CA THR A 257 -3.27 -14.65 10.14
C THR A 257 -4.24 -13.78 10.94
N ASN A 258 -4.98 -12.93 10.23
CA ASN A 258 -5.94 -12.01 10.82
C ASN A 258 -5.32 -11.16 11.92
N PRO A 259 -4.24 -10.43 11.63
CA PRO A 259 -3.51 -9.73 12.70
C PRO A 259 -4.36 -8.64 13.34
N THR A 260 -4.38 -8.64 14.67
CA THR A 260 -4.97 -7.58 15.45
C THR A 260 -3.85 -6.87 16.22
N SER A 261 -4.26 -5.92 17.08
CA SER A 261 -3.30 -5.27 17.95
C SER A 261 -2.66 -6.24 18.94
N ALA A 262 -3.28 -7.40 19.17
CA ALA A 262 -2.66 -8.38 20.05
C ALA A 262 -1.39 -8.97 19.46
N ASP A 263 -1.19 -8.84 18.16
CA ASP A 263 -0.01 -9.38 17.49
C ASP A 263 1.04 -8.31 17.20
N THR A 264 0.79 -7.07 17.60
CA THR A 264 1.78 -6.02 17.37
C THR A 264 3.02 -6.25 18.21
N GLY A 265 4.10 -5.58 17.82
CA GLY A 265 5.34 -5.55 18.57
C GLY A 265 6.48 -6.26 17.87
N MET A 266 7.44 -6.69 18.68
CA MET A 266 8.68 -7.24 18.19
C MET A 266 8.62 -8.76 18.03
N TYR A 267 9.12 -9.24 16.89
CA TYR A 267 9.32 -10.66 16.62
C TYR A 267 10.80 -10.90 16.37
N VAL A 268 11.29 -12.06 16.80
CA VAL A 268 12.70 -12.42 16.71
C VAL A 268 12.79 -13.72 15.92
N CYS A 269 13.56 -13.70 14.84
CA CYS A 269 13.95 -14.96 14.22
C CYS A 269 15.33 -15.34 14.74
N GLU A 270 15.53 -16.65 14.89
CA GLU A 270 16.74 -17.21 15.49
C GLU A 270 17.23 -18.39 14.66
N ALA A 271 18.49 -18.34 14.27
CA ALA A 271 19.11 -19.36 13.43
C ALA A 271 20.17 -20.10 14.23
N THR A 272 20.04 -21.43 14.30
CA THR A 272 20.97 -22.26 15.07
C THR A 272 21.48 -23.40 14.20
N LEU A 273 22.69 -23.88 14.53
CA LEU A 273 23.18 -25.16 14.02
C LEU A 273 22.95 -26.19 15.13
N ARG A 274 22.02 -27.11 14.87
CA ARG A 274 21.58 -28.07 15.88
CA ARG A 274 21.59 -28.06 15.90
C ARG A 274 22.75 -28.89 16.45
N GLY A 275 22.79 -29.00 17.77
CA GLY A 275 23.85 -29.73 18.44
C GLY A 275 25.20 -29.07 18.46
N SER A 276 25.34 -27.85 17.93
CA SER A 276 26.67 -27.26 17.80
C SER A 276 26.98 -26.34 18.98
N THR A 277 28.25 -26.01 19.11
CA THR A 277 28.66 -25.02 20.10
C THR A 277 28.53 -23.58 19.60
N PHE A 278 27.99 -23.37 18.40
CA PHE A 278 27.93 -22.01 17.87
C PHE A 278 26.85 -21.18 18.55
N GLU A 279 27.09 -19.87 18.64
CA GLU A 279 26.06 -18.95 19.07
C GLU A 279 24.99 -18.80 17.98
N PRO A 280 23.72 -18.68 18.36
CA PRO A 280 22.67 -18.38 17.37
C PRO A 280 22.87 -17.00 16.75
N ALA A 281 22.35 -16.84 15.54
CA ALA A 281 22.19 -15.55 14.91
C ALA A 281 20.75 -15.07 15.07
N ARG A 282 20.56 -13.79 15.38
CA ARG A 282 19.22 -13.24 15.63
C ARG A 282 18.99 -11.94 14.88
N ALA A 283 17.72 -11.71 14.54
CA ALA A 283 17.27 -10.47 13.93
C ALA A 283 15.88 -10.15 14.44
N ARG A 284 15.59 -8.88 14.64
CA ARG A 284 14.30 -8.47 15.16
C ARG A 284 13.49 -7.78 14.07
N ALA A 285 12.17 -7.95 14.15
CA ALA A 285 11.23 -7.27 13.28
C ALA A 285 10.04 -6.81 14.11
N PHE A 286 9.45 -5.69 13.70
CA PHE A 286 8.34 -5.10 14.43
C PHE A 286 7.10 -5.06 13.55
N LEU A 287 5.97 -5.48 14.11
CA LEU A 287 4.70 -5.52 13.41
C LEU A 287 3.78 -4.44 13.93
N SER A 288 3.17 -3.67 13.03
CA SER A 288 2.29 -2.57 13.39
C SER A 288 0.94 -2.72 12.70
N ILE A 289 -0.12 -2.34 13.42
CA ILE A 289 -1.48 -2.41 12.89
C ILE A 289 -1.95 -1.00 12.59
N ILE A 290 -2.55 -0.82 11.42
CA ILE A 290 -3.14 0.44 11.00
C ILE A 290 -4.66 0.33 11.11
N GLU A 291 -5.27 1.25 11.84
CA GLU A 291 -6.72 1.31 11.94
C GLU A 291 -7.22 2.43 11.03
N PRO A 292 -7.97 2.14 9.97
CA PRO A 292 -8.43 3.20 9.08
C PRO A 292 -9.34 4.15 9.83
N PRO A 293 -9.46 5.40 9.35
CA PRO A 293 -10.21 6.41 10.11
C PRO A 293 -11.71 6.17 10.03
N TYR A 294 -12.38 6.55 11.11
CA TYR A 294 -13.84 6.55 11.16
C TYR A 294 -14.27 7.72 12.03
N PHE A 295 -15.46 8.26 11.75
CA PHE A 295 -15.92 9.45 12.45
C PHE A 295 -16.57 9.08 13.77
N THR A 296 -16.32 9.91 14.78
CA THR A 296 -16.94 9.82 16.09
C THR A 296 -17.91 10.96 16.33
N ALA A 297 -17.97 11.91 15.41
CA ALA A 297 -18.90 13.03 15.51
C ALA A 297 -19.03 13.64 14.11
N GLU A 298 -20.24 13.62 13.56
CA GLU A 298 -20.48 14.24 12.28
C GLU A 298 -21.53 15.34 12.41
N PRO A 299 -21.50 16.34 11.53
CA PRO A 299 -22.55 17.35 11.54
C PRO A 299 -23.82 16.83 10.88
N GLU A 300 -24.93 17.50 11.18
CA GLU A 300 -26.17 17.23 10.47
C GLU A 300 -26.00 17.52 8.98
N SER A 301 -26.85 16.88 8.17
CA SER A 301 -26.72 17.05 6.72
C SER A 301 -27.00 18.48 6.28
N ARG A 302 -27.89 19.18 6.98
CA ARG A 302 -28.22 20.57 6.67
CA ARG A 302 -28.22 20.57 6.67
C ARG A 302 -28.29 21.36 7.98
N ILE A 303 -27.75 22.57 7.96
CA ILE A 303 -27.70 23.42 9.13
C ILE A 303 -28.10 24.83 8.72
N LEU A 304 -28.93 25.46 9.54
CA LEU A 304 -29.37 26.83 9.28
C LEU A 304 -28.81 27.75 10.34
N GLY A 305 -28.07 28.77 9.91
CA GLY A 305 -27.60 29.82 10.79
C GLY A 305 -28.24 31.15 10.43
N GLU A 306 -28.40 32.00 11.44
CA GLU A 306 -28.81 33.37 11.20
C GLU A 306 -27.59 34.25 11.07
N VAL A 307 -27.66 35.25 10.19
CA VAL A 307 -26.55 36.18 10.02
C VAL A 307 -26.12 36.70 11.37
N GLU A 308 -24.82 36.87 11.55
CA GLU A 308 -24.15 37.50 12.70
C GLU A 308 -24.00 36.55 13.88
N GLU A 309 -24.54 35.34 13.83
CA GLU A 309 -24.38 34.45 14.96
C GLU A 309 -23.17 33.53 14.76
N THR A 310 -22.78 32.86 15.84
CA THR A 310 -21.69 31.90 15.81
C THR A 310 -22.18 30.53 15.34
N MET A 311 -21.37 29.85 14.55
CA MET A 311 -21.72 28.53 14.04
C MET A 311 -20.59 27.55 14.34
N ASP A 312 -20.95 26.35 14.77
CA ASP A 312 -20.00 25.27 14.99
C ASP A 312 -20.40 24.06 14.16
N ILE A 313 -19.48 23.56 13.36
CA ILE A 313 -19.67 22.36 12.58
C ILE A 313 -18.74 21.29 13.17
N PRO A 314 -19.26 20.28 13.86
CA PRO A 314 -18.40 19.26 14.47
C PRO A 314 -17.88 18.25 13.46
N CYS A 315 -16.64 17.81 13.67
CA CYS A 315 -16.06 16.71 12.90
C CYS A 315 -14.94 16.14 13.77
N ARG A 316 -15.09 14.88 14.19
CA ARG A 316 -14.09 14.22 15.00
C ARG A 316 -13.93 12.79 14.50
N ALA A 317 -12.69 12.32 14.43
CA ALA A 317 -12.39 11.01 13.85
C ALA A 317 -11.41 10.25 14.72
N MET A 318 -11.55 8.92 14.70
CA MET A 318 -10.69 8.01 15.43
C MET A 318 -9.95 7.10 14.45
N GLY A 319 -8.72 6.74 14.79
CA GLY A 319 -7.95 5.83 13.99
C GLY A 319 -6.54 5.71 14.52
N VAL A 320 -5.85 4.67 14.04
CA VAL A 320 -4.45 4.42 14.41
C VAL A 320 -3.60 4.35 13.14
N PRO A 321 -2.75 5.35 12.91
CA PRO A 321 -2.48 6.57 13.70
C PRO A 321 -3.65 7.54 13.70
N LEU A 322 -3.58 8.54 14.58
CA LEU A 322 -4.66 9.52 14.69
C LEU A 322 -4.87 10.21 13.35
N PRO A 323 -6.08 10.23 12.82
CA PRO A 323 -6.30 10.83 11.51
C PRO A 323 -6.04 12.33 11.55
N THR A 324 -5.61 12.86 10.40
CA THR A 324 -5.57 14.30 10.19
C THR A 324 -6.84 14.73 9.48
N LEU A 325 -7.38 15.88 9.89
CA LEU A 325 -8.60 16.42 9.33
C LEU A 325 -8.24 17.55 8.38
N GLN A 326 -8.89 17.57 7.22
CA GLN A 326 -8.76 18.66 6.28
C GLN A 326 -10.14 19.10 5.85
N TRP A 327 -10.41 20.40 5.95
CA TRP A 327 -11.70 20.98 5.62
C TRP A 327 -11.70 21.63 4.24
N TYR A 328 -12.85 21.57 3.59
CA TYR A 328 -13.10 22.22 2.31
C TYR A 328 -14.41 22.98 2.41
N LYS A 329 -14.51 24.09 1.68
CA LYS A 329 -15.79 24.74 1.43
C LYS A 329 -15.99 24.79 -0.07
N ASP A 330 -17.09 24.22 -0.54
CA ASP A 330 -17.38 24.18 -1.98
C ASP A 330 -16.17 23.67 -2.78
N ALA A 331 -15.52 22.63 -2.26
CA ALA A 331 -14.43 21.91 -2.92
C ALA A 331 -13.14 22.71 -3.01
N VAL A 332 -13.01 23.76 -2.21
CA VAL A 332 -11.79 24.54 -2.12
C VAL A 332 -11.26 24.37 -0.69
N PRO A 333 -10.01 23.92 -0.51
CA PRO A 333 -9.48 23.74 0.86
C PRO A 333 -9.44 25.07 1.59
N LEU A 334 -9.69 25.02 2.90
CA LEU A 334 -9.75 26.25 3.70
C LEU A 334 -8.44 27.03 3.67
N SER A 335 -7.30 26.34 3.51
CA SER A 335 -6.02 27.03 3.48
C SER A 335 -5.95 27.99 2.29
N LYS A 336 -6.49 27.57 1.14
CA LYS A 336 -6.52 28.48 0.01
C LYS A 336 -7.46 29.66 0.25
N LEU A 337 -8.64 29.41 0.84
CA LEU A 337 -9.58 30.50 1.05
C LEU A 337 -9.03 31.60 1.95
N GLN A 338 -8.18 31.23 2.92
CA GLN A 338 -7.51 32.21 3.78
C GLN A 338 -8.54 33.09 4.47
N ASN A 339 -9.56 32.46 5.01
CA ASN A 339 -10.64 33.21 5.64
C ASN A 339 -10.41 33.26 7.15
N PRO A 340 -10.08 34.43 7.71
CA PRO A 340 -9.80 34.51 9.16
C PRO A 340 -11.00 34.18 10.04
N ARG A 341 -12.22 34.16 9.50
CA ARG A 341 -13.39 33.82 10.31
C ARG A 341 -13.61 32.31 10.43
N TYR A 342 -12.95 31.49 9.61
CA TYR A 342 -13.11 30.04 9.66
C TYR A 342 -11.99 29.47 10.52
N LYS A 343 -12.30 29.13 11.76
CA LYS A 343 -11.31 28.61 12.69
C LYS A 343 -11.46 27.10 12.82
N VAL A 344 -10.35 26.38 12.71
CA VAL A 344 -10.34 24.94 12.92
C VAL A 344 -9.93 24.66 14.36
N LEU A 345 -10.77 23.94 15.09
CA LEU A 345 -10.56 23.58 16.47
C LEU A 345 -9.62 22.40 16.57
N PRO A 346 -8.93 22.26 17.71
CA PRO A 346 -8.00 21.13 17.86
C PRO A 346 -8.69 19.76 17.83
N SER A 347 -9.86 19.63 18.44
CA SER A 347 -10.59 18.37 18.34
C SER A 347 -11.03 18.06 16.91
N GLY A 348 -11.09 19.07 16.04
CA GLY A 348 -11.39 18.81 14.64
C GLY A 348 -12.49 19.68 14.07
N GLY A 349 -13.34 20.21 14.93
CA GLY A 349 -14.52 20.94 14.48
C GLY A 349 -14.19 22.28 13.86
N LEU A 350 -15.14 22.78 13.10
CA LEU A 350 -15.01 24.06 12.44
C LEU A 350 -15.84 25.10 13.19
N HIS A 351 -15.23 26.23 13.50
CA HIS A 351 -15.86 27.30 14.25
C HIS A 351 -15.96 28.54 13.36
N ILE A 352 -17.15 29.12 13.26
CA ILE A 352 -17.37 30.33 12.47
C ILE A 352 -17.97 31.38 13.39
N GLN A 353 -17.27 32.51 13.54
CA GLN A 353 -17.58 33.46 14.61
C GLN A 353 -18.81 34.32 14.30
N LYS A 354 -18.86 34.95 13.13
CA LYS A 354 -19.94 35.88 12.78
C LYS A 354 -20.44 35.50 11.39
N LEU A 355 -21.48 34.66 11.35
CA LEU A 355 -22.02 34.18 10.10
C LEU A 355 -22.34 35.32 9.15
N SER A 356 -21.96 35.14 7.89
CA SER A 356 -22.21 36.08 6.82
C SER A 356 -22.88 35.35 5.68
N PRO A 357 -23.59 36.07 4.80
CA PRO A 357 -24.34 35.37 3.73
C PRO A 357 -23.48 34.55 2.81
N GLU A 358 -22.23 34.94 2.59
CA GLU A 358 -21.35 34.17 1.72
C GLU A 358 -20.80 32.92 2.39
N ASP A 359 -21.08 32.72 3.69
CA ASP A 359 -20.72 31.46 4.32
C ASP A 359 -21.60 30.31 3.87
N SER A 360 -22.73 30.60 3.22
CA SER A 360 -23.60 29.53 2.75
CA SER A 360 -23.60 29.54 2.75
CA SER A 360 -23.61 29.54 2.75
C SER A 360 -22.86 28.65 1.77
N GLY A 361 -23.11 27.37 1.83
CA GLY A 361 -22.49 26.45 0.90
C GLY A 361 -22.25 25.10 1.56
N ILE A 362 -21.44 24.29 0.90
CA ILE A 362 -21.12 22.95 1.35
C ILE A 362 -19.79 23.00 2.09
N PHE A 363 -19.79 22.57 3.34
CA PHE A 363 -18.57 22.35 4.10
C PHE A 363 -18.30 20.87 4.18
N GLN A 364 -17.06 20.48 3.93
CA GLN A 364 -16.77 19.06 3.78
C GLN A 364 -15.50 18.75 4.56
N CYS A 365 -15.54 17.69 5.36
CA CYS A 365 -14.45 17.32 6.24
C CYS A 365 -13.91 15.96 5.84
N PHE A 366 -12.60 15.88 5.62
CA PHE A 366 -11.91 14.64 5.32
C PHE A 366 -10.97 14.28 6.45
N ALA A 367 -11.00 13.02 6.89
CA ALA A 367 -10.07 12.48 7.86
C ALA A 367 -9.29 11.34 7.22
N SER A 368 -7.96 11.39 7.33
CA SER A 368 -7.13 10.41 6.64
C SER A 368 -5.91 10.03 7.47
N ASN A 369 -5.48 8.78 7.32
CA ASN A 369 -4.15 8.35 7.75
C ASN A 369 -3.61 7.43 6.67
N GLU A 370 -2.58 6.65 7.00
CA GLU A 370 -1.97 5.78 6.01
C GLU A 370 -2.94 4.70 5.51
N GLY A 371 -3.96 4.36 6.29
CA GLY A 371 -4.83 3.24 5.97
C GLY A 371 -6.19 3.55 5.41
N GLY A 372 -6.49 4.82 5.11
CA GLY A 372 -7.76 5.13 4.48
C GLY A 372 -8.11 6.61 4.62
N GLU A 373 -9.28 6.93 4.09
CA GLU A 373 -9.80 8.29 4.07
C GLU A 373 -11.32 8.22 4.10
N VAL A 374 -11.94 9.01 4.98
CA VAL A 374 -13.39 9.12 5.06
C VAL A 374 -13.77 10.59 4.98
N GLN A 375 -15.05 10.83 4.71
CA GLN A 375 -15.56 12.17 4.43
C GLN A 375 -16.95 12.33 5.01
N THR A 376 -17.24 13.56 5.44
CA THR A 376 -18.58 13.96 5.85
C THR A 376 -18.77 15.41 5.43
N HIS A 377 -20.04 15.80 5.27
CA HIS A 377 -20.30 17.14 4.78
C HIS A 377 -21.64 17.63 5.27
N THR A 378 -21.84 18.94 5.15
CA THR A 378 -23.10 19.57 5.49
C THR A 378 -23.32 20.73 4.53
N TYR A 379 -24.58 21.06 4.32
CA TYR A 379 -24.91 22.29 3.62
C TYR A 379 -25.29 23.33 4.65
N LEU A 380 -24.55 24.44 4.66
CA LEU A 380 -24.80 25.52 5.59
C LEU A 380 -25.67 26.54 4.88
N ASP A 381 -26.82 26.85 5.46
CA ASP A 381 -27.75 27.83 4.95
C ASP A 381 -27.76 29.00 5.92
N VAL A 382 -27.56 30.22 5.40
CA VAL A 382 -27.52 31.42 6.22
C VAL A 382 -28.69 32.31 5.84
N THR A 383 -29.48 32.75 6.81
CA THR A 383 -30.69 33.52 6.57
C THR A 383 -30.46 35.00 6.79
N ASN A 384 -31.34 35.80 6.16
CA ASN A 384 -31.39 37.26 6.28
C ASN A 384 -30.09 37.92 5.82
C1 NAG B . -0.79 9.90 -9.77
C2 NAG B . 0.29 9.59 -10.79
C3 NAG B . 0.88 8.20 -10.56
C4 NAG B . 1.35 8.06 -9.11
C5 NAG B . 0.17 8.35 -8.19
C6 NAG B . 0.52 8.28 -6.72
C7 NAG B . -0.26 10.86 -12.82
C8 NAG B . -0.81 10.79 -14.22
N2 NAG B . -0.21 9.70 -12.15
O3 NAG B . 1.95 7.98 -11.47
O4 NAG B . 1.88 6.76 -8.87
O5 NAG B . -0.30 9.68 -8.44
O6 NAG B . 1.79 8.88 -6.46
O7 NAG B . 0.11 11.92 -12.32
C1 NAG B . 3.32 6.83 -8.94
C2 NAG B . 3.98 5.75 -8.07
C3 NAG B . 5.49 5.83 -8.18
C4 NAG B . 5.92 5.75 -9.64
C5 NAG B . 5.20 6.83 -10.45
C6 NAG B . 5.50 6.74 -11.92
C7 NAG B . 2.43 5.32 -6.21
C8 NAG B . 2.14 5.55 -4.76
N2 NAG B . 3.56 5.87 -6.68
O3 NAG B . 6.08 4.76 -7.45
O4 NAG B . 7.32 5.94 -9.75
O5 NAG B . 3.79 6.71 -10.30
O6 NAG B . 4.98 7.87 -12.63
O7 NAG B . 1.68 4.66 -6.94
C1 NAG C . 11.81 -0.62 12.77
C2 NAG C . 12.72 0.60 12.63
C3 NAG C . 13.39 0.92 13.98
C4 NAG C . 12.37 1.02 15.10
C5 NAG C . 11.52 -0.25 15.11
C6 NAG C . 10.41 -0.22 16.14
C7 NAG C . 13.49 0.47 10.30
C8 NAG C . 14.67 0.24 9.40
N2 NAG C . 13.74 0.40 11.61
O3 NAG C . 14.12 2.13 13.86
O4 NAG C . 13.00 1.15 16.36
O5 NAG C . 10.89 -0.42 13.84
O6 NAG C . 9.86 1.08 16.28
O7 NAG C . 12.39 0.73 9.86
C1 NAG C . 12.99 2.52 16.85
C2 NAG C . 13.00 2.48 18.40
C3 NAG C . 13.37 3.84 19.02
C4 NAG C . 14.54 4.50 18.32
C5 NAG C . 14.28 4.53 16.82
C6 NAG C . 15.38 5.17 16.02
C7 NAG C . 11.47 0.92 19.55
C8 NAG C . 10.04 0.68 19.98
N2 NAG C . 11.69 2.06 18.89
O3 NAG C . 13.70 3.65 20.39
O4 NAG C . 14.72 5.82 18.79
O5 NAG C . 14.16 3.16 16.37
O6 NAG C . 16.60 5.24 16.75
O7 NAG C . 12.37 0.13 19.81
I IOD D . -7.55 13.13 -7.05
I IOD E . 29.92 -18.33 17.63
I IOD F . -8.16 22.72 7.39
I IOD G . 32.19 -19.68 11.77
I IOD H . 32.45 -18.75 15.29
I IOD I . -18.92 13.57 2.05
CS CS J . -23.47 14.52 7.53
#